data_3CSE
#
_entry.id   3CSE
#
_cell.length_a   42.690
_cell.length_b   42.690
_cell.length_c   230.404
_cell.angle_alpha   90.00
_cell.angle_beta   90.00
_cell.angle_gamma   90.00
#
_symmetry.space_group_name_H-M   'P 41'
#
loop_
_entity.id
_entity.type
_entity.pdbx_description
1 polymer 'Dihydrofolate reductase'
2 non-polymer 'NADPH DIHYDRO-NICOTINAMIDE-ADENINE-DINUCLEOTIDE PHOSPHATE'
3 non-polymer 5-[3-(2,5-dimethoxyphenyl)prop-1-yn-1-yl]-6-ethylpyrimidine-2,4-diamine
4 water water
#
_entity_poly.entity_id   1
_entity_poly.type   'polypeptide(L)'
_entity_poly.pdbx_seq_one_letter_code
;MSKVPVVGIVAALLPEMGIGFQGNLPWRLAKEMKYFREVTTLTNDNSKQNVVIMGRKTWESIPQKFRPLPKRINVVVSRS
FDGELRKVEDGIYHSNSLRNCLTALQSSLANENKIERIYIIGGGEIYRQSMDLADHWLITKIMPLPETTIPQMDTFLQKQ
ELEQRFYDNSDKLVDFLPSSIQLEGRLTSQEWNGELVKGLPVQEKGYQFYFTLYTKKLEHHHHHHHH
;
_entity_poly.pdbx_strand_id   A,B
#
# COMPACT_ATOMS: atom_id res chain seq x y z
N LYS A 3 -5.40 -9.96 13.29
CA LYS A 3 -5.36 -11.33 13.92
C LYS A 3 -5.56 -12.56 13.01
N VAL A 4 -6.43 -12.48 12.04
CA VAL A 4 -6.60 -13.54 11.05
C VAL A 4 -5.47 -13.46 9.98
N PRO A 5 -4.81 -14.54 9.56
CA PRO A 5 -3.83 -14.32 8.47
C PRO A 5 -4.47 -13.91 7.17
N VAL A 6 -3.73 -13.04 6.44
CA VAL A 6 -4.11 -12.56 5.15
C VAL A 6 -3.12 -13.21 4.17
N VAL A 7 -3.67 -13.94 3.21
CA VAL A 7 -2.77 -14.68 2.31
C VAL A 7 -3.16 -14.34 0.89
N GLY A 8 -2.21 -13.82 0.08
CA GLY A 8 -2.60 -13.74 -1.35
C GLY A 8 -2.34 -15.13 -2.03
N ILE A 9 -3.21 -15.44 -2.98
CA ILE A 9 -3.03 -16.81 -3.61
C ILE A 9 -3.23 -16.50 -5.04
N VAL A 10 -2.29 -17.06 -5.87
CA VAL A 10 -2.31 -16.66 -7.32
C VAL A 10 -1.50 -17.78 -8.04
N ALA A 11 -1.83 -17.88 -9.30
CA ALA A 11 -1.05 -18.80 -10.25
C ALA A 11 -0.39 -17.88 -11.29
N ALA A 12 0.93 -18.06 -11.41
CA ALA A 12 1.70 -17.16 -12.27
C ALA A 12 2.69 -17.91 -13.16
N LEU A 13 2.82 -17.44 -14.41
CA LEU A 13 3.75 -18.08 -15.37
C LEU A 13 5.11 -17.39 -15.27
N LEU A 14 6.08 -18.23 -14.96
CA LEU A 14 7.50 -17.73 -14.88
C LEU A 14 8.01 -17.48 -16.32
N PRO A 15 8.97 -16.61 -16.46
CA PRO A 15 9.69 -15.85 -15.41
C PRO A 15 9.05 -14.51 -15.17
N GLU A 16 8.15 -14.01 -16.02
CA GLU A 16 7.57 -12.66 -15.74
C GLU A 16 6.41 -12.61 -14.73
N MET A 17 5.97 -13.82 -14.31
CA MET A 17 4.81 -13.93 -13.38
C MET A 17 3.58 -13.35 -13.98
N GLY A 18 3.32 -13.76 -15.29
CA GLY A 18 2.03 -13.40 -15.91
C GLY A 18 0.85 -14.19 -15.32
N ILE A 19 -0.24 -13.44 -15.20
CA ILE A 19 -1.43 -14.05 -14.60
C ILE A 19 -2.73 -14.03 -15.35
N GLY A 20 -2.79 -13.24 -16.49
CA GLY A 20 -4.05 -13.01 -17.18
C GLY A 20 -3.78 -12.49 -18.57
N PHE A 21 -4.84 -12.66 -19.38
CA PHE A 21 -4.84 -11.99 -20.67
C PHE A 21 -6.35 -11.68 -21.03
N GLN A 22 -6.54 -10.51 -21.44
CA GLN A 22 -7.92 -10.03 -21.96
C GLN A 22 -9.02 -10.42 -21.01
N GLY A 23 -8.70 -10.22 -19.69
CA GLY A 23 -9.76 -10.46 -18.69
C GLY A 23 -9.99 -11.89 -18.22
N ASN A 24 -9.26 -12.85 -18.81
CA ASN A 24 -9.27 -14.27 -18.49
C ASN A 24 -7.93 -14.82 -18.14
N LEU A 25 -7.93 -16.08 -17.73
CA LEU A 25 -6.68 -16.74 -17.30
C LEU A 25 -6.01 -17.22 -18.64
N PRO A 26 -4.71 -17.28 -18.65
CA PRO A 26 -4.06 -17.66 -19.96
C PRO A 26 -3.97 -19.19 -20.12
N TRP A 27 -4.54 -20.00 -19.24
CA TRP A 27 -4.44 -21.47 -19.27
C TRP A 27 -5.73 -21.98 -18.62
N ARG A 28 -5.97 -23.27 -18.76
CA ARG A 28 -7.07 -23.94 -18.07
C ARG A 28 -6.42 -25.21 -17.48
N LEU A 29 -6.12 -25.28 -16.18
CA LEU A 29 -5.40 -26.33 -15.57
C LEU A 29 -6.30 -26.85 -14.42
N ALA A 30 -6.94 -28.02 -14.62
CA ALA A 30 -7.91 -28.49 -13.61
C ALA A 30 -7.22 -28.80 -12.28
N LYS A 31 -5.98 -29.33 -12.24
CA LYS A 31 -5.33 -29.67 -11.02
C LYS A 31 -4.94 -28.35 -10.26
N GLU A 32 -4.75 -27.31 -11.03
CA GLU A 32 -4.30 -26.03 -10.40
C GLU A 32 -5.65 -25.50 -9.82
N MET A 33 -6.75 -25.56 -10.54
CA MET A 33 -8.10 -25.06 -10.00
C MET A 33 -8.41 -25.91 -8.77
N LYS A 34 -8.14 -27.21 -8.78
CA LYS A 34 -8.54 -28.08 -7.65
C LYS A 34 -7.75 -27.60 -6.42
N TYR A 35 -6.43 -27.34 -6.61
CA TYR A 35 -5.61 -26.87 -5.49
C TYR A 35 -6.21 -25.56 -4.93
N PHE A 36 -6.48 -24.62 -5.83
CA PHE A 36 -7.03 -23.33 -5.35
C PHE A 36 -8.37 -23.56 -4.58
N ARG A 37 -9.22 -24.43 -5.15
CA ARG A 37 -10.49 -24.75 -4.45
C ARG A 37 -10.30 -25.34 -3.10
N GLU A 38 -9.42 -26.32 -3.00
CA GLU A 38 -9.28 -27.06 -1.73
C GLU A 38 -8.64 -26.12 -0.74
N VAL A 39 -7.64 -25.37 -1.15
CA VAL A 39 -6.91 -24.49 -0.16
C VAL A 39 -7.83 -23.44 0.36
N THR A 40 -8.51 -22.77 -0.52
CA THR A 40 -9.38 -21.63 -0.02
C THR A 40 -10.64 -22.15 0.66
N THR A 41 -11.07 -23.39 0.39
CA THR A 41 -12.35 -23.88 1.05
C THR A 41 -12.04 -24.51 2.39
N LEU A 42 -11.02 -25.39 2.45
CA LEU A 42 -10.75 -26.23 3.68
C LEU A 42 -10.21 -25.38 4.76
N THR A 43 -10.59 -25.78 6.01
CA THR A 43 -10.06 -25.15 7.21
C THR A 43 -9.61 -26.20 8.18
N ASN A 44 -8.80 -25.81 9.14
CA ASN A 44 -8.41 -26.77 10.21
C ASN A 44 -9.50 -26.85 11.21
N ASP A 45 -10.19 -25.76 11.43
CA ASP A 45 -11.34 -25.79 12.38
C ASP A 45 -12.65 -25.88 11.55
N ASN A 46 -13.37 -27.03 11.62
CA ASN A 46 -14.62 -27.16 10.83
C ASN A 46 -15.79 -26.22 11.19
N SER A 47 -15.63 -25.41 12.25
CA SER A 47 -16.63 -24.41 12.62
C SER A 47 -16.38 -23.08 11.94
N LYS A 48 -15.20 -22.99 11.25
CA LYS A 48 -14.84 -21.73 10.58
C LYS A 48 -14.98 -21.83 9.07
N GLN A 49 -15.04 -20.66 8.45
CA GLN A 49 -14.86 -20.60 6.95
C GLN A 49 -13.73 -19.63 6.64
N ASN A 50 -13.19 -19.72 5.41
CA ASN A 50 -12.27 -18.65 4.96
C ASN A 50 -13.04 -17.62 4.14
N VAL A 51 -12.42 -16.43 4.02
CA VAL A 51 -12.93 -15.41 3.11
C VAL A 51 -12.08 -15.47 1.84
N VAL A 52 -12.77 -15.22 0.72
CA VAL A 52 -12.06 -14.86 -0.56
C VAL A 52 -12.43 -13.43 -0.95
N ILE A 53 -11.43 -12.55 -1.09
CA ILE A 53 -11.61 -11.23 -1.54
C ILE A 53 -11.07 -11.08 -2.95
N MET A 54 -11.87 -10.41 -3.79
CA MET A 54 -11.42 -10.22 -5.22
C MET A 54 -11.91 -8.89 -5.71
N GLY A 55 -11.25 -8.42 -6.75
CA GLY A 55 -11.59 -7.19 -7.44
C GLY A 55 -12.80 -7.46 -8.37
N ARG A 56 -13.44 -6.37 -8.76
CA ARG A 56 -14.70 -6.49 -9.51
C ARG A 56 -14.40 -7.21 -10.83
N LYS A 57 -13.27 -6.94 -11.49
CA LYS A 57 -13.12 -7.54 -12.85
C LYS A 57 -12.90 -9.07 -12.70
N THR A 58 -12.20 -9.55 -11.62
CA THR A 58 -12.03 -10.99 -11.32
C THR A 58 -13.40 -11.59 -11.14
N TRP A 59 -14.23 -10.96 -10.36
CA TRP A 59 -15.57 -11.56 -10.06
C TRP A 59 -16.29 -11.71 -11.44
N GLU A 60 -16.23 -10.67 -12.28
CA GLU A 60 -17.09 -10.70 -13.54
C GLU A 60 -16.55 -11.88 -14.45
N SER A 61 -15.31 -12.23 -14.29
CA SER A 61 -14.67 -13.36 -15.06
C SER A 61 -14.96 -14.75 -14.61
N ILE A 62 -15.45 -14.92 -13.40
CA ILE A 62 -15.72 -16.24 -12.89
C ILE A 62 -17.07 -16.67 -13.53
N PRO A 63 -17.09 -17.91 -14.07
CA PRO A 63 -18.37 -18.35 -14.62
C PRO A 63 -19.56 -18.20 -13.72
N GLN A 64 -20.65 -17.72 -14.28
CA GLN A 64 -21.87 -17.42 -13.47
C GLN A 64 -22.34 -18.60 -12.65
N LYS A 65 -22.21 -19.87 -13.14
CA LYS A 65 -22.76 -20.94 -12.41
C LYS A 65 -21.79 -21.30 -11.28
N PHE A 66 -20.62 -20.71 -11.25
CA PHE A 66 -19.65 -21.07 -10.23
C PHE A 66 -19.43 -20.00 -9.14
N ARG A 67 -20.16 -18.91 -9.22
CA ARG A 67 -20.03 -17.82 -8.25
C ARG A 67 -21.37 -17.52 -7.59
N PRO A 68 -21.33 -17.09 -6.35
CA PRO A 68 -20.13 -16.92 -5.51
C PRO A 68 -19.48 -18.30 -5.23
N LEU A 69 -18.16 -18.30 -4.98
CA LEU A 69 -17.47 -19.52 -4.73
C LEU A 69 -18.04 -20.21 -3.46
N PRO A 70 -18.49 -21.46 -3.56
CA PRO A 70 -19.19 -22.13 -2.47
C PRO A 70 -18.32 -22.30 -1.26
N LYS A 71 -18.94 -22.27 -0.10
CA LYS A 71 -18.34 -22.60 1.17
C LYS A 71 -17.26 -21.67 1.64
N ARG A 72 -17.17 -20.52 1.01
CA ARG A 72 -16.29 -19.43 1.41
C ARG A 72 -17.06 -18.12 1.44
N ILE A 73 -16.72 -17.24 2.38
CA ILE A 73 -17.37 -15.96 2.28
C ILE A 73 -16.73 -15.12 1.12
N ASN A 74 -17.55 -14.64 0.18
CA ASN A 74 -16.95 -13.90 -0.97
C ASN A 74 -17.09 -12.46 -0.70
N VAL A 75 -16.02 -11.71 -0.98
CA VAL A 75 -16.08 -10.26 -0.89
C VAL A 75 -15.63 -9.73 -2.27
N VAL A 76 -16.46 -8.86 -2.87
CA VAL A 76 -16.02 -8.22 -4.16
C VAL A 76 -15.83 -6.74 -3.92
N VAL A 77 -14.71 -6.22 -4.39
CA VAL A 77 -14.38 -4.80 -4.15
C VAL A 77 -14.52 -4.03 -5.44
N SER A 78 -15.23 -2.88 -5.36
CA SER A 78 -15.35 -1.96 -6.47
C SER A 78 -15.47 -0.55 -5.89
N ARG A 79 -14.87 0.39 -6.54
CA ARG A 79 -14.93 1.81 -6.00
C ARG A 79 -16.32 2.34 -6.18
N SER A 80 -17.18 1.69 -6.98
CA SER A 80 -18.59 2.18 -7.21
C SER A 80 -19.54 1.64 -6.08
N PHE A 81 -19.04 0.79 -5.16
CA PHE A 81 -19.87 0.26 -4.09
C PHE A 81 -20.03 1.21 -2.92
N ASP A 82 -20.98 0.88 -2.01
CA ASP A 82 -21.41 1.86 -0.97
C ASP A 82 -20.52 2.08 0.27
N GLY A 83 -19.87 1.07 0.80
CA GLY A 83 -18.98 1.29 1.95
C GLY A 83 -18.35 0.00 2.29
N GLU A 84 -17.85 -0.20 3.50
CA GLU A 84 -16.52 -0.85 3.63
C GLU A 84 -16.85 -2.34 3.57
N LEU A 85 -18.10 -2.79 3.92
CA LEU A 85 -18.40 -4.21 3.98
C LEU A 85 -19.91 -4.44 4.17
N ARG A 86 -20.60 -4.72 3.08
CA ARG A 86 -22.10 -4.70 3.07
C ARG A 86 -22.55 -6.06 2.52
N LYS A 87 -23.40 -6.81 3.26
CA LYS A 87 -24.02 -8.00 2.65
C LYS A 87 -24.99 -7.60 1.56
N VAL A 88 -24.80 -8.13 0.36
CA VAL A 88 -25.65 -7.85 -0.78
C VAL A 88 -26.47 -9.05 -1.23
N GLU A 89 -25.96 -10.25 -0.97
CA GLU A 89 -26.70 -11.50 -1.31
C GLU A 89 -26.12 -12.59 -0.49
N ASP A 90 -26.80 -13.75 -0.49
CA ASP A 90 -26.29 -14.83 0.30
C ASP A 90 -24.87 -15.21 -0.19
N GLY A 91 -23.86 -15.22 0.72
CA GLY A 91 -22.47 -15.59 0.27
C GLY A 91 -21.72 -14.38 -0.23
N ILE A 92 -22.40 -13.19 -0.41
CA ILE A 92 -21.71 -12.12 -1.17
C ILE A 92 -21.68 -10.84 -0.40
N TYR A 93 -20.46 -10.35 -0.12
CA TYR A 93 -20.34 -8.98 0.42
C TYR A 93 -19.74 -8.09 -0.59
N HIS A 94 -20.12 -6.79 -0.52
CA HIS A 94 -19.53 -5.79 -1.39
C HIS A 94 -18.77 -4.73 -0.55
N SER A 95 -17.62 -4.26 -1.05
CA SER A 95 -16.84 -3.24 -0.30
C SER A 95 -16.32 -2.24 -1.28
N ASN A 96 -16.31 -0.96 -0.92
CA ASN A 96 -15.63 -0.02 -1.77
C ASN A 96 -14.17 0.23 -1.38
N SER A 97 -13.57 -0.66 -0.57
CA SER A 97 -12.24 -0.47 -0.15
C SER A 97 -11.53 -1.74 0.25
N LEU A 98 -10.50 -2.20 -0.52
CA LEU A 98 -9.74 -3.38 -0.10
C LEU A 98 -9.24 -3.23 1.36
N ARG A 99 -8.59 -2.04 1.68
CA ARG A 99 -7.97 -1.92 2.98
C ARG A 99 -9.08 -1.90 4.06
N ASN A 100 -10.17 -1.12 3.84
CA ASN A 100 -11.18 -1.03 4.94
C ASN A 100 -11.96 -2.34 5.11
N CYS A 101 -12.10 -3.11 4.01
CA CYS A 101 -12.76 -4.42 4.18
C CYS A 101 -11.90 -5.32 4.99
N LEU A 102 -10.55 -5.27 4.89
CA LEU A 102 -9.71 -6.15 5.65
C LEU A 102 -9.85 -5.75 7.20
N THR A 103 -9.87 -4.45 7.45
CA THR A 103 -10.02 -3.98 8.82
C THR A 103 -11.37 -4.51 9.37
N ALA A 104 -12.38 -4.49 8.55
CA ALA A 104 -13.75 -4.80 8.97
C ALA A 104 -13.75 -6.31 9.23
N LEU A 105 -13.12 -7.07 8.34
CA LEU A 105 -13.16 -8.54 8.51
C LEU A 105 -12.32 -8.98 9.69
N GLN A 106 -11.38 -8.14 10.12
CA GLN A 106 -10.51 -8.51 11.22
C GLN A 106 -11.17 -8.24 12.60
N SER A 107 -12.36 -7.58 12.61
CA SER A 107 -13.07 -7.25 13.87
C SER A 107 -13.61 -8.50 14.54
N SER A 108 -13.09 -8.90 15.69
CA SER A 108 -13.60 -10.14 16.35
C SER A 108 -15.10 -9.97 16.74
N LEU A 109 -15.54 -8.75 16.95
CA LEU A 109 -16.93 -8.55 17.28
C LEU A 109 -17.82 -8.84 16.05
N ALA A 110 -17.35 -8.45 14.88
CA ALA A 110 -18.10 -8.70 13.64
C ALA A 110 -17.96 -10.14 13.22
N ASN A 111 -16.74 -10.65 13.37
CA ASN A 111 -16.47 -11.98 12.80
C ASN A 111 -16.61 -13.15 13.77
N GLU A 112 -16.91 -12.89 15.02
CA GLU A 112 -17.10 -13.96 16.02
C GLU A 112 -16.00 -15.00 16.07
N ASN A 113 -14.82 -14.66 15.62
CA ASN A 113 -13.67 -15.50 15.55
C ASN A 113 -14.06 -16.79 14.75
N LYS A 114 -14.91 -16.62 13.71
CA LYS A 114 -15.31 -17.77 12.89
C LYS A 114 -14.73 -17.72 11.46
N ILE A 115 -13.81 -16.78 11.19
CA ILE A 115 -13.01 -16.71 9.86
C ILE A 115 -11.72 -17.40 10.26
N GLU A 116 -11.20 -18.33 9.46
CA GLU A 116 -9.88 -18.83 9.74
C GLU A 116 -8.74 -18.11 9.04
N ARG A 117 -8.92 -17.96 7.69
CA ARG A 117 -7.94 -17.15 6.96
C ARG A 117 -8.76 -16.21 6.05
N ILE A 118 -8.07 -15.15 5.60
CA ILE A 118 -8.58 -14.31 4.50
C ILE A 118 -7.63 -14.52 3.27
N TYR A 119 -8.23 -14.95 2.16
CA TYR A 119 -7.37 -15.15 0.96
C TYR A 119 -7.75 -14.06 -0.03
N ILE A 120 -6.75 -13.41 -0.57
CA ILE A 120 -6.95 -12.43 -1.62
C ILE A 120 -6.68 -13.13 -2.94
N ILE A 121 -7.75 -13.24 -3.74
CA ILE A 121 -7.65 -14.15 -4.91
C ILE A 121 -7.59 -13.48 -6.22
N GLY A 122 -7.27 -12.16 -6.23
CA GLY A 122 -6.99 -11.44 -7.50
C GLY A 122 -7.87 -10.26 -7.78
N GLY A 123 -7.71 -9.48 -8.84
CA GLY A 123 -6.77 -9.83 -9.90
C GLY A 123 -5.53 -8.91 -9.82
N GLY A 124 -4.99 -8.52 -10.97
CA GLY A 124 -3.72 -7.76 -10.97
C GLY A 124 -3.75 -6.51 -10.14
N GLU A 125 -4.79 -5.73 -10.24
CA GLU A 125 -4.88 -4.41 -9.55
C GLU A 125 -4.92 -4.69 -8.07
N ILE A 126 -5.72 -5.65 -7.66
CA ILE A 126 -5.85 -6.00 -6.24
C ILE A 126 -4.52 -6.53 -5.73
N TYR A 127 -3.79 -7.42 -6.46
CA TYR A 127 -2.51 -7.94 -5.91
C TYR A 127 -1.45 -6.83 -5.78
N ARG A 128 -1.49 -5.87 -6.74
CA ARG A 128 -0.58 -4.65 -6.65
C ARG A 128 -0.73 -4.02 -5.26
N GLN A 129 -1.96 -3.96 -4.82
CA GLN A 129 -2.23 -3.25 -3.52
C GLN A 129 -2.07 -4.13 -2.33
N SER A 130 -1.79 -5.42 -2.53
CA SER A 130 -1.78 -6.40 -1.47
C SER A 130 -0.40 -6.73 -0.95
N MET A 131 0.65 -6.26 -1.64
CA MET A 131 1.96 -6.64 -1.18
C MET A 131 2.25 -6.14 0.24
N ASP A 132 1.65 -4.99 0.59
CA ASP A 132 1.86 -4.55 1.98
C ASP A 132 0.74 -4.96 2.92
N LEU A 133 -0.19 -5.80 2.47
CA LEU A 133 -1.26 -6.23 3.34
C LEU A 133 -1.13 -7.73 3.66
N ALA A 134 -0.60 -8.53 2.71
CA ALA A 134 -0.56 -9.92 2.95
C ALA A 134 0.52 -10.37 3.89
N ASP A 135 0.26 -11.38 4.68
CA ASP A 135 1.22 -12.00 5.54
C ASP A 135 2.05 -13.10 4.77
N HIS A 136 1.42 -13.71 3.76
CA HIS A 136 2.05 -14.76 3.06
C HIS A 136 1.49 -14.68 1.63
N TRP A 137 2.20 -15.33 0.70
CA TRP A 137 1.63 -15.61 -0.66
C TRP A 137 1.74 -17.08 -0.98
N LEU A 138 0.62 -17.61 -1.42
CA LEU A 138 0.68 -19.02 -1.98
C LEU A 138 0.71 -18.80 -3.55
N ILE A 139 1.88 -19.07 -4.15
CA ILE A 139 2.09 -18.80 -5.61
C ILE A 139 2.31 -20.18 -6.25
N THR A 140 1.44 -20.45 -7.27
CA THR A 140 1.67 -21.65 -8.13
C THR A 140 2.55 -21.07 -9.23
N LYS A 141 3.77 -21.61 -9.25
CA LYS A 141 4.70 -21.16 -10.33
C LYS A 141 4.61 -22.07 -11.56
N ILE A 142 4.17 -21.49 -12.62
CA ILE A 142 3.87 -22.30 -13.87
C ILE A 142 4.98 -22.08 -14.89
N MET A 143 5.45 -23.18 -15.51
CA MET A 143 6.44 -23.10 -16.57
C MET A 143 5.95 -23.94 -17.76
N PRO A 144 6.07 -23.34 -18.90
CA PRO A 144 5.73 -24.20 -20.09
C PRO A 144 6.82 -25.27 -20.27
N LEU A 145 6.38 -26.48 -20.62
CA LEU A 145 7.36 -27.55 -20.89
C LEU A 145 7.98 -27.20 -22.28
N PRO A 146 9.14 -27.82 -22.55
CA PRO A 146 9.94 -27.39 -23.65
C PRO A 146 9.23 -27.22 -24.98
N GLU A 147 8.26 -28.11 -25.30
CA GLU A 147 7.54 -27.91 -26.61
C GLU A 147 6.30 -27.02 -26.61
N THR A 148 6.04 -26.39 -25.45
CA THR A 148 4.83 -25.67 -25.27
C THR A 148 4.97 -24.19 -25.59
N THR A 149 3.99 -23.69 -26.34
CA THR A 149 4.02 -22.30 -26.70
C THR A 149 3.73 -21.39 -25.50
N ILE A 150 4.53 -20.36 -25.29
CA ILE A 150 4.27 -19.50 -24.12
C ILE A 150 2.99 -18.69 -24.45
N PRO A 151 1.98 -18.65 -23.52
CA PRO A 151 0.75 -17.89 -23.87
C PRO A 151 0.92 -16.43 -23.76
N GLN A 152 0.08 -15.65 -24.50
CA GLN A 152 0.10 -14.22 -24.48
C GLN A 152 -0.47 -13.75 -23.12
N MET A 153 0.15 -12.72 -22.51
CA MET A 153 -0.42 -12.23 -21.22
C MET A 153 -0.23 -10.73 -21.11
N ASP A 154 -1.03 -10.07 -20.25
CA ASP A 154 -1.19 -8.62 -20.28
C ASP A 154 -1.29 -8.14 -18.79
N THR A 155 -1.24 -9.09 -17.85
CA THR A 155 -1.38 -8.78 -16.42
C THR A 155 -0.33 -9.63 -15.70
N PHE A 156 0.38 -8.99 -14.72
CA PHE A 156 1.57 -9.64 -14.11
C PHE A 156 1.55 -9.34 -12.62
N LEU A 157 2.06 -10.29 -11.89
CA LEU A 157 2.25 -10.09 -10.42
C LEU A 157 3.53 -9.27 -10.34
N GLN A 158 3.61 -8.37 -9.30
CA GLN A 158 4.82 -7.57 -9.07
C GLN A 158 5.91 -8.39 -8.37
N LYS A 159 6.69 -9.13 -9.14
CA LYS A 159 7.73 -10.01 -8.58
C LYS A 159 8.83 -9.20 -7.84
N GLN A 160 9.13 -7.98 -8.30
CA GLN A 160 10.19 -7.10 -7.58
C GLN A 160 9.69 -6.90 -6.17
N GLU A 161 8.45 -6.45 -6.13
CA GLU A 161 7.97 -6.17 -4.75
C GLU A 161 7.70 -7.35 -3.91
N LEU A 162 7.27 -8.50 -4.48
CA LEU A 162 7.32 -9.79 -3.86
C LEU A 162 8.63 -10.09 -3.16
N GLU A 163 9.67 -10.07 -3.99
CA GLU A 163 10.95 -10.55 -3.45
C GLU A 163 11.71 -9.54 -2.64
N GLN A 164 11.36 -8.26 -2.72
CA GLN A 164 11.72 -7.29 -1.62
C GLN A 164 11.23 -7.65 -0.24
N ARG A 165 9.98 -8.03 -0.17
CA ARG A 165 9.27 -8.11 1.10
C ARG A 165 9.14 -9.49 1.66
N PHE A 166 9.16 -10.51 0.77
CA PHE A 166 8.92 -11.88 1.21
C PHE A 166 10.05 -12.80 0.75
N TYR A 167 10.18 -13.91 1.39
CA TYR A 167 11.15 -14.93 1.06
C TYR A 167 10.44 -16.22 0.76
N ASP A 168 11.15 -17.05 -0.03
CA ASP A 168 10.60 -18.37 -0.39
C ASP A 168 10.63 -19.31 0.82
N ASN A 169 9.44 -19.59 1.37
CA ASN A 169 9.26 -20.39 2.55
C ASN A 169 8.65 -21.78 2.23
N SER A 170 8.92 -22.25 0.97
CA SER A 170 8.23 -23.47 0.51
C SER A 170 8.57 -24.76 1.26
N ASP A 171 9.66 -24.73 2.06
CA ASP A 171 9.92 -25.84 2.95
C ASP A 171 8.77 -26.09 3.92
N LYS A 172 8.04 -25.02 4.23
CA LYS A 172 6.96 -25.05 5.22
C LYS A 172 5.55 -25.06 4.54
N LEU A 173 5.47 -25.27 3.21
CA LEU A 173 4.12 -25.22 2.55
C LEU A 173 3.27 -26.31 3.10
N VAL A 174 3.77 -27.58 3.20
CA VAL A 174 2.83 -28.65 3.53
C VAL A 174 2.27 -28.43 4.93
N ASP A 175 3.10 -27.92 5.83
CA ASP A 175 2.57 -27.56 7.17
C ASP A 175 1.63 -26.36 7.21
N PHE A 176 1.72 -25.51 6.20
CA PHE A 176 0.91 -24.26 6.20
C PHE A 176 -0.47 -24.57 5.65
N LEU A 177 -0.58 -25.56 4.76
CA LEU A 177 -1.87 -25.86 4.15
C LEU A 177 -2.78 -26.62 5.14
N PRO A 178 -4.12 -26.53 4.94
CA PRO A 178 -4.98 -27.16 5.91
C PRO A 178 -4.69 -28.62 5.89
N SER A 179 -4.73 -29.19 7.08
CA SER A 179 -4.15 -30.51 7.21
C SER A 179 -4.81 -31.65 6.43
N SER A 180 -6.04 -31.46 5.96
CA SER A 180 -6.71 -32.50 5.16
C SER A 180 -6.43 -32.45 3.65
N ILE A 181 -5.68 -31.42 3.18
CA ILE A 181 -5.35 -31.40 1.78
C ILE A 181 -4.41 -32.56 1.57
N GLN A 182 -4.40 -33.14 0.40
CA GLN A 182 -3.34 -34.13 0.11
C GLN A 182 -2.69 -33.73 -1.22
N LEU A 183 -1.35 -33.63 -1.24
CA LEU A 183 -0.68 -33.15 -2.46
C LEU A 183 0.02 -34.31 -3.19
N GLU A 184 0.07 -34.28 -4.52
CA GLU A 184 0.76 -35.39 -5.23
C GLU A 184 2.29 -35.34 -5.11
N GLY A 185 2.88 -34.18 -5.25
CA GLY A 185 4.36 -34.08 -5.38
C GLY A 185 5.11 -34.20 -4.04
N ARG A 186 6.41 -34.35 -4.13
CA ARG A 186 7.22 -34.11 -2.94
C ARG A 186 8.06 -32.87 -3.19
N LEU A 187 8.50 -32.27 -2.12
CA LEU A 187 9.25 -31.01 -2.22
C LEU A 187 10.54 -31.12 -3.05
N THR A 188 10.69 -30.27 -4.04
CA THR A 188 11.63 -30.42 -5.16
C THR A 188 12.18 -29.03 -5.37
N SER A 189 13.47 -28.95 -5.71
CA SER A 189 14.15 -27.65 -6.08
C SER A 189 14.73 -27.83 -7.44
N GLN A 190 14.39 -26.94 -8.33
CA GLN A 190 14.80 -27.11 -9.78
C GLN A 190 15.19 -25.81 -10.28
N GLU A 191 16.28 -25.68 -11.03
CA GLU A 191 16.56 -24.42 -11.58
C GLU A 191 15.84 -24.31 -12.93
N TRP A 192 15.30 -23.13 -13.19
CA TRP A 192 14.63 -22.92 -14.46
C TRP A 192 14.82 -21.52 -14.96
N ASN A 193 15.46 -21.40 -16.14
CA ASN A 193 15.98 -20.09 -16.64
C ASN A 193 16.69 -19.22 -15.58
N GLY A 194 17.56 -19.89 -14.83
CA GLY A 194 18.43 -19.19 -13.87
C GLY A 194 17.84 -18.87 -12.50
N GLU A 195 16.53 -19.14 -12.32
CA GLU A 195 15.95 -18.96 -10.94
C GLU A 195 15.68 -20.32 -10.28
N LEU A 196 15.80 -20.33 -8.96
CA LEU A 196 15.50 -21.51 -8.19
C LEU A 196 13.97 -21.63 -8.04
N VAL A 197 13.38 -22.73 -8.53
CA VAL A 197 11.93 -22.99 -8.31
C VAL A 197 11.83 -24.10 -7.32
N LYS A 198 11.20 -23.84 -6.14
CA LYS A 198 11.14 -24.81 -5.09
C LYS A 198 9.68 -24.99 -4.63
N GLY A 199 9.24 -26.22 -4.46
CA GLY A 199 7.83 -26.42 -4.06
C GLY A 199 7.38 -27.78 -4.46
N LEU A 200 6.09 -27.95 -4.53
CA LEU A 200 5.47 -29.30 -4.82
C LEU A 200 5.01 -29.34 -6.23
N PRO A 201 5.59 -30.23 -7.09
CA PRO A 201 5.44 -30.21 -8.53
C PRO A 201 4.19 -30.98 -8.96
N VAL A 202 3.59 -30.46 -10.01
CA VAL A 202 2.65 -31.22 -10.87
C VAL A 202 2.86 -30.90 -12.30
N GLN A 203 2.43 -31.83 -13.17
CA GLN A 203 2.32 -31.49 -14.62
C GLN A 203 0.94 -31.70 -15.15
N GLU A 204 0.54 -30.80 -16.06
CA GLU A 204 -0.78 -30.90 -16.67
C GLU A 204 -0.81 -30.19 -17.97
N LYS A 205 -1.33 -30.89 -18.99
CA LYS A 205 -1.40 -30.37 -20.31
C LYS A 205 0.10 -29.94 -20.61
N GLY A 206 0.33 -28.80 -21.13
CA GLY A 206 1.73 -28.59 -21.63
C GLY A 206 2.64 -27.88 -20.62
N TYR A 207 2.23 -27.94 -19.34
CA TYR A 207 2.89 -27.12 -18.29
C TYR A 207 3.40 -27.93 -17.11
N GLN A 208 4.53 -27.50 -16.50
CA GLN A 208 4.82 -28.03 -15.19
C GLN A 208 4.56 -26.90 -14.19
N PHE A 209 4.06 -27.27 -13.00
CA PHE A 209 3.91 -26.11 -12.04
C PHE A 209 4.20 -26.56 -10.67
N TYR A 210 4.63 -25.61 -9.80
CA TYR A 210 5.04 -25.95 -8.43
C TYR A 210 4.15 -25.10 -7.50
N PHE A 211 3.65 -25.74 -6.45
CA PHE A 211 2.96 -24.95 -5.39
C PHE A 211 4.05 -24.49 -4.43
N THR A 212 3.99 -23.17 -4.16
CA THR A 212 5.04 -22.55 -3.32
C THR A 212 4.40 -21.63 -2.25
N LEU A 213 5.25 -21.29 -1.22
CA LEU A 213 4.73 -20.45 -0.12
C LEU A 213 5.80 -19.37 0.00
N TYR A 214 5.38 -18.12 0.06
CA TYR A 214 6.27 -17.02 0.40
C TYR A 214 5.75 -16.39 1.72
N THR A 215 6.70 -15.98 2.57
CA THR A 215 6.35 -15.48 3.88
C THR A 215 7.12 -14.15 4.15
N LYS A 216 6.52 -13.21 4.93
CA LYS A 216 7.22 -11.93 5.06
C LYS A 216 8.61 -12.10 5.65
N LYS A 217 9.59 -11.36 5.13
CA LYS A 217 10.91 -11.35 5.72
C LYS A 217 10.82 -10.78 7.20
N LEU A 218 11.86 -11.13 7.95
CA LEU A 218 11.94 -10.64 9.43
C LEU A 218 12.10 -9.10 9.24
N GLU A 219 11.61 -8.32 10.21
CA GLU A 219 11.65 -6.87 10.18
C GLU A 219 12.37 -6.42 11.48
N HIS A 220 13.21 -5.41 11.35
CA HIS A 220 13.84 -4.76 12.50
C HIS A 220 12.77 -4.02 13.28
N HIS A 221 13.15 -3.85 14.59
CA HIS A 221 12.26 -3.14 15.49
C HIS A 221 12.71 -1.63 15.53
N HIS A 222 12.03 -0.84 14.70
CA HIS A 222 12.31 0.60 14.67
C HIS A 222 11.43 1.40 15.62
N HIS A 223 10.19 1.01 15.79
CA HIS A 223 9.24 1.81 16.64
C HIS A 223 8.18 0.89 17.02
N HIS A 224 7.72 0.97 18.27
CA HIS A 224 6.42 0.52 18.63
C HIS A 224 5.63 1.59 19.30
N HIS A 225 4.39 1.74 18.85
CA HIS A 225 3.55 2.85 19.39
C HIS A 225 3.31 2.68 20.91
N HIS A 226 3.58 3.75 21.70
CA HIS A 226 3.26 3.82 23.13
C HIS A 226 2.30 4.96 23.37
N HIS A 227 1.36 4.68 24.28
CA HIS A 227 0.48 5.75 24.79
C HIS A 227 1.13 6.79 25.70
N LYS B 3 8.73 10.30 -14.30
CA LYS B 3 7.68 10.44 -13.22
C LYS B 3 7.90 11.77 -12.44
N VAL B 4 6.83 12.38 -11.93
CA VAL B 4 6.88 13.55 -11.02
C VAL B 4 7.13 12.95 -9.56
N PRO B 5 8.05 13.54 -8.81
CA PRO B 5 8.20 12.96 -7.47
C PRO B 5 6.98 13.14 -6.59
N VAL B 6 6.83 12.14 -5.73
CA VAL B 6 5.71 12.06 -4.79
C VAL B 6 6.34 12.25 -3.41
N VAL B 7 5.89 13.23 -2.67
CA VAL B 7 6.53 13.56 -1.40
C VAL B 7 5.49 13.68 -0.28
N GLY B 8 5.56 12.85 0.75
CA GLY B 8 4.63 13.10 1.90
C GLY B 8 5.25 14.24 2.72
N ILE B 9 4.31 15.07 3.24
CA ILE B 9 4.91 16.19 4.06
C ILE B 9 4.03 16.21 5.26
N VAL B 10 4.68 16.34 6.46
CA VAL B 10 3.84 16.22 7.71
C VAL B 10 4.70 16.79 8.84
N ALA B 11 4.00 17.27 9.84
CA ALA B 11 4.64 17.72 11.13
C ALA B 11 4.20 16.80 12.24
N ALA B 12 5.26 16.24 12.91
CA ALA B 12 4.96 15.17 13.91
C ALA B 12 5.71 15.40 15.21
N LEU B 13 5.02 15.10 16.33
CA LEU B 13 5.65 15.33 17.66
C LEU B 13 6.30 14.02 18.09
N LEU B 14 7.62 14.16 18.30
CA LEU B 14 8.40 12.98 18.77
C LEU B 14 8.03 12.69 20.25
N PRO B 15 8.26 11.48 20.71
CA PRO B 15 8.85 10.35 19.94
C PRO B 15 7.81 9.50 19.28
N GLU B 16 6.53 9.69 19.55
CA GLU B 16 5.51 8.80 18.95
C GLU B 16 5.02 9.23 17.54
N MET B 17 5.53 10.40 17.08
CA MET B 17 5.12 10.99 15.80
C MET B 17 3.62 11.21 15.74
N GLY B 18 3.07 11.83 16.82
CA GLY B 18 1.71 12.31 16.85
C GLY B 18 1.48 13.50 15.91
N ILE B 19 0.32 13.45 15.23
CA ILE B 19 0.03 14.48 14.20
C ILE B 19 -1.32 15.23 14.32
N GLY B 20 -2.20 14.73 15.25
CA GLY B 20 -3.56 15.31 15.33
C GLY B 20 -4.24 14.91 16.62
N PHE B 21 -5.28 15.68 16.91
CA PHE B 21 -6.17 15.30 17.98
C PHE B 21 -7.59 15.83 17.62
N GLN B 22 -8.51 14.99 17.75
CA GLN B 22 -9.99 15.33 17.58
C GLN B 22 -10.23 16.12 16.27
N GLY B 23 -9.52 15.65 15.19
CA GLY B 23 -9.68 16.32 13.90
C GLY B 23 -8.94 17.57 13.55
N ASN B 24 -8.16 18.11 14.54
CA ASN B 24 -7.35 19.27 14.39
C ASN B 24 -5.90 18.98 14.68
N LEU B 25 -5.06 19.96 14.48
CA LEU B 25 -3.62 19.83 14.77
C LEU B 25 -3.47 19.98 16.32
N PRO B 26 -2.45 19.39 16.88
CA PRO B 26 -2.33 19.59 18.39
C PRO B 26 -1.53 20.85 18.73
N TRP B 27 -1.17 21.71 17.82
CA TRP B 27 -0.33 22.87 18.11
C TRP B 27 -0.71 23.91 17.04
N ARG B 28 -0.25 25.14 17.23
CA ARG B 28 -0.47 26.12 16.20
C ARG B 28 0.86 26.86 16.10
N LEU B 29 1.66 26.57 15.07
CA LEU B 29 3.02 27.03 14.94
C LEU B 29 3.17 27.77 13.62
N ALA B 30 3.18 29.12 13.70
CA ALA B 30 3.07 29.89 12.46
C ALA B 30 4.31 29.67 11.61
N LYS B 31 5.50 29.39 12.20
CA LYS B 31 6.67 29.24 11.42
C LYS B 31 6.64 27.86 10.69
N GLU B 32 5.97 26.95 11.34
CA GLU B 32 5.82 25.56 10.80
C GLU B 32 4.84 25.70 9.60
N MET B 33 3.73 26.40 9.78
CA MET B 33 2.74 26.63 8.67
C MET B 33 3.48 27.36 7.54
N LYS B 34 4.36 28.36 7.84
CA LYS B 34 5.00 29.15 6.77
C LYS B 34 5.90 28.19 5.96
N TYR B 35 6.64 27.30 6.67
CA TYR B 35 7.43 26.30 5.93
C TYR B 35 6.54 25.45 5.00
N PHE B 36 5.47 24.94 5.57
CA PHE B 36 4.60 24.06 4.78
C PHE B 36 4.08 24.85 3.57
N ARG B 37 3.66 26.08 3.80
CA ARG B 37 3.12 26.88 2.68
C ARG B 37 4.16 27.14 1.64
N GLU B 38 5.36 27.58 2.01
CA GLU B 38 6.43 27.93 1.00
C GLU B 38 6.83 26.66 0.28
N VAL B 39 7.10 25.56 1.00
CA VAL B 39 7.61 24.31 0.28
C VAL B 39 6.52 23.87 -0.68
N THR B 40 5.28 23.79 -0.26
CA THR B 40 4.23 23.19 -1.22
C THR B 40 3.87 24.17 -2.31
N THR B 41 4.09 25.48 -2.08
CA THR B 41 3.68 26.47 -3.14
C THR B 41 4.83 26.65 -4.12
N LEU B 42 6.07 26.85 -3.63
CA LEU B 42 7.17 27.26 -4.52
C LEU B 42 7.61 26.13 -5.38
N THR B 43 8.07 26.51 -6.62
CA THR B 43 8.63 25.57 -7.61
C THR B 43 9.93 26.12 -8.17
N ASN B 44 10.74 25.24 -8.71
CA ASN B 44 12.01 25.66 -9.33
C ASN B 44 11.70 26.21 -10.70
N ASP B 45 10.70 25.64 -11.36
CA ASP B 45 10.25 26.14 -12.65
C ASP B 45 8.97 26.97 -12.43
N ASN B 46 9.01 28.30 -12.64
CA ASN B 46 7.80 29.10 -12.34
C ASN B 46 6.74 29.06 -13.42
N SER B 47 6.86 28.23 -14.42
CA SER B 47 5.71 27.64 -15.15
C SER B 47 4.92 26.49 -14.67
N LYS B 48 5.46 25.87 -13.62
CA LYS B 48 4.75 24.72 -13.03
C LYS B 48 4.13 25.08 -11.65
N GLN B 49 3.17 24.25 -11.32
CA GLN B 49 2.65 24.25 -9.92
C GLN B 49 2.84 22.88 -9.30
N ASN B 50 2.74 22.84 -7.97
CA ASN B 50 2.71 21.51 -7.27
C ASN B 50 1.26 21.14 -6.96
N VAL B 51 1.04 19.83 -6.77
CA VAL B 51 -0.24 19.33 -6.35
C VAL B 51 -0.11 19.10 -4.83
N VAL B 52 -1.26 19.33 -4.15
CA VAL B 52 -1.41 18.86 -2.72
C VAL B 52 -2.60 17.90 -2.71
N ILE B 53 -2.41 16.67 -2.26
CA ILE B 53 -3.44 15.72 -2.13
C ILE B 53 -3.71 15.50 -0.65
N MET B 54 -5.00 15.44 -0.29
CA MET B 54 -5.37 15.25 1.13
C MET B 54 -6.64 14.44 1.22
N GLY B 55 -6.84 13.83 2.37
CA GLY B 55 -8.00 13.08 2.67
C GLY B 55 -9.17 14.01 3.03
N ARG B 56 -10.36 13.50 2.90
CA ARG B 56 -11.60 14.36 3.07
C ARG B 56 -11.56 14.97 4.49
N LYS B 57 -11.17 14.23 5.50
CA LYS B 57 -11.28 14.81 6.88
C LYS B 57 -10.27 15.97 7.02
N THR B 58 -9.07 15.85 6.45
CA THR B 58 -8.09 16.96 6.44
C THR B 58 -8.66 18.18 5.74
N TRP B 59 -9.29 18.00 4.59
CA TRP B 59 -9.83 19.15 3.86
C TRP B 59 -10.88 19.82 4.79
N GLU B 60 -11.71 19.01 5.40
CA GLU B 60 -12.87 19.59 6.13
C GLU B 60 -12.28 20.37 7.35
N SER B 61 -11.08 20.05 7.80
CA SER B 61 -10.42 20.76 8.92
C SER B 61 -9.71 22.09 8.60
N ILE B 62 -9.45 22.35 7.32
CA ILE B 62 -8.74 23.55 6.88
C ILE B 62 -9.78 24.69 6.94
N PRO B 63 -9.37 25.82 7.58
CA PRO B 63 -10.30 26.98 7.62
C PRO B 63 -10.86 27.33 6.27
N GLN B 64 -12.16 27.51 6.22
CA GLN B 64 -12.91 27.80 4.98
C GLN B 64 -12.28 28.93 4.21
N LYS B 65 -11.77 29.99 4.87
CA LYS B 65 -11.27 31.11 4.09
C LYS B 65 -9.88 30.74 3.51
N PHE B 66 -9.34 29.60 3.93
CA PHE B 66 -7.96 29.27 3.50
C PHE B 66 -7.94 28.13 2.51
N ARG B 67 -9.08 27.61 2.12
CA ARG B 67 -9.08 26.49 1.13
C ARG B 67 -9.95 26.84 -0.07
N PRO B 68 -9.61 26.34 -1.23
CA PRO B 68 -8.45 25.46 -1.49
C PRO B 68 -7.16 26.25 -1.27
N LEU B 69 -6.09 25.55 -0.95
CA LEU B 69 -4.84 26.18 -0.71
C LEU B 69 -4.38 26.89 -1.98
N PRO B 70 -4.17 28.19 -1.93
CA PRO B 70 -3.81 28.97 -3.13
C PRO B 70 -2.52 28.51 -3.83
N LYS B 71 -2.53 28.66 -5.14
CA LYS B 71 -1.38 28.47 -5.97
C LYS B 71 -0.86 27.05 -6.04
N ARG B 72 -1.68 26.10 -5.64
CA ARG B 72 -1.36 24.65 -5.75
C ARG B 72 -2.65 23.96 -6.18
N ILE B 73 -2.45 22.95 -7.07
CA ILE B 73 -3.60 22.19 -7.46
C ILE B 73 -4.10 21.34 -6.23
N ASN B 74 -5.34 21.47 -5.81
CA ASN B 74 -5.76 20.66 -4.59
C ASN B 74 -6.54 19.45 -5.06
N VAL B 75 -6.25 18.28 -4.50
CA VAL B 75 -6.99 17.06 -4.76
C VAL B 75 -7.50 16.58 -3.38
N VAL B 76 -8.79 16.39 -3.32
CA VAL B 76 -9.38 15.77 -2.07
C VAL B 76 -9.92 14.40 -2.40
N VAL B 77 -9.50 13.42 -1.59
CA VAL B 77 -9.91 12.05 -1.75
C VAL B 77 -10.97 11.64 -0.76
N SER B 78 -12.03 11.00 -1.32
CA SER B 78 -13.13 10.47 -0.54
C SER B 78 -13.66 9.23 -1.26
N ARG B 79 -14.07 8.23 -0.51
CA ARG B 79 -14.58 6.99 -1.21
C ARG B 79 -15.98 7.28 -1.70
N SER B 80 -16.63 8.37 -1.25
CA SER B 80 -18.02 8.74 -1.72
C SER B 80 -17.95 9.50 -3.07
N PHE B 81 -16.74 9.88 -3.54
CA PHE B 81 -16.65 10.61 -4.82
C PHE B 81 -16.58 9.69 -5.99
N ASP B 82 -16.52 10.21 -7.24
CA ASP B 82 -17.28 9.70 -8.39
C ASP B 82 -16.22 8.95 -9.24
N GLY B 83 -14.99 9.41 -9.33
CA GLY B 83 -13.99 8.64 -10.08
C GLY B 83 -12.64 9.29 -9.87
N GLU B 84 -11.65 9.04 -10.71
CA GLU B 84 -10.29 8.80 -10.19
C GLU B 84 -9.73 10.26 -10.08
N LEU B 85 -10.28 11.25 -10.88
CA LEU B 85 -9.72 12.60 -10.84
C LEU B 85 -10.67 13.54 -11.63
N ARG B 86 -11.47 14.30 -10.92
CA ARG B 86 -12.59 15.03 -11.60
C ARG B 86 -12.45 16.46 -11.12
N LYS B 87 -12.44 17.44 -12.04
CA LYS B 87 -12.48 18.87 -11.62
C LYS B 87 -13.88 19.20 -11.03
N VAL B 88 -13.95 19.72 -9.83
CA VAL B 88 -15.26 20.08 -9.24
C VAL B 88 -15.43 21.55 -9.00
N GLU B 89 -14.31 22.26 -8.88
CA GLU B 89 -14.37 23.76 -8.80
C GLU B 89 -13.00 24.25 -9.13
N ASP B 90 -12.90 25.58 -9.27
CA ASP B 90 -11.61 26.13 -9.60
C ASP B 90 -10.59 25.80 -8.49
N GLY B 91 -9.46 25.21 -8.90
CA GLY B 91 -8.41 24.79 -7.84
C GLY B 91 -8.73 23.48 -7.14
N ILE B 92 -9.91 22.81 -7.45
CA ILE B 92 -10.22 21.61 -6.65
C ILE B 92 -10.57 20.44 -7.52
N TYR B 93 -9.82 19.34 -7.30
CA TYR B 93 -10.22 18.10 -7.91
C TYR B 93 -10.66 17.14 -6.86
N HIS B 94 -11.58 16.24 -7.25
CA HIS B 94 -12.04 15.19 -6.38
C HIS B 94 -11.71 13.82 -6.96
N SER B 95 -11.32 12.92 -6.05
CA SER B 95 -10.92 11.55 -6.50
C SER B 95 -11.46 10.52 -5.52
N ASN B 96 -11.94 9.36 -6.00
CA ASN B 96 -12.30 8.32 -5.09
C ASN B 96 -11.19 7.32 -4.84
N SER B 97 -9.93 7.64 -5.15
CA SER B 97 -8.84 6.71 -4.94
C SER B 97 -7.47 7.42 -4.87
N LEU B 98 -6.79 7.37 -3.68
CA LEU B 98 -5.42 7.91 -3.58
C LEU B 98 -4.58 7.34 -4.76
N ARG B 99 -4.62 5.97 -4.94
CA ARG B 99 -3.58 5.39 -5.75
C ARG B 99 -4.00 5.77 -7.22
N ASN B 100 -5.32 5.72 -7.58
CA ASN B 100 -5.67 6.05 -9.01
C ASN B 100 -5.49 7.57 -9.33
N CYS B 101 -5.65 8.43 -8.32
CA CYS B 101 -5.38 9.87 -8.52
C CYS B 101 -3.93 9.97 -8.91
N LEU B 102 -2.98 9.27 -8.24
CA LEU B 102 -1.61 9.61 -8.36
C LEU B 102 -1.25 9.08 -9.88
N THR B 103 -1.77 7.93 -10.28
CA THR B 103 -1.57 7.42 -11.63
C THR B 103 -2.04 8.51 -12.66
N ALA B 104 -3.20 9.07 -12.37
CA ALA B 104 -3.83 10.01 -13.29
C ALA B 104 -2.98 11.27 -13.34
N LEU B 105 -2.54 11.73 -12.19
CA LEU B 105 -1.71 12.99 -12.17
C LEU B 105 -0.34 12.78 -12.73
N GLN B 106 0.20 11.56 -12.74
CA GLN B 106 1.35 11.21 -13.54
C GLN B 106 1.34 11.19 -15.08
N SER B 107 0.11 11.22 -15.65
CA SER B 107 -0.04 11.16 -17.09
C SER B 107 0.54 12.43 -17.73
N SER B 108 1.66 12.36 -18.50
CA SER B 108 2.17 13.59 -19.23
C SER B 108 1.10 14.13 -20.19
N LEU B 109 0.24 13.26 -20.65
CA LEU B 109 -0.77 13.76 -21.60
C LEU B 109 -1.79 14.67 -20.82
N ALA B 110 -2.11 14.23 -19.61
CA ALA B 110 -3.09 15.05 -18.82
C ALA B 110 -2.42 16.25 -18.23
N ASN B 111 -1.19 16.05 -17.77
CA ASN B 111 -0.60 17.13 -16.98
C ASN B 111 0.45 18.01 -17.70
N GLU B 112 0.78 17.74 -18.96
CA GLU B 112 1.32 18.71 -19.92
C GLU B 112 2.74 18.96 -19.35
N ASN B 113 3.27 18.05 -18.54
CA ASN B 113 4.51 18.20 -17.84
C ASN B 113 4.61 19.57 -17.09
N LYS B 114 3.46 20.00 -16.55
CA LYS B 114 3.53 21.26 -15.82
C LYS B 114 3.14 21.13 -14.29
N ILE B 115 3.24 19.92 -13.74
CA ILE B 115 3.26 19.66 -12.25
C ILE B 115 4.71 19.46 -11.95
N GLU B 116 5.23 20.13 -10.94
CA GLU B 116 6.58 19.82 -10.54
C GLU B 116 6.74 18.66 -9.54
N ARG B 117 5.99 18.84 -8.42
CA ARG B 117 5.92 17.76 -7.42
C ARG B 117 4.50 17.51 -7.06
N ILE B 118 4.26 16.28 -6.50
CA ILE B 118 2.98 15.97 -5.86
C ILE B 118 3.27 15.81 -4.34
N TYR B 119 2.61 16.64 -3.52
CA TYR B 119 2.79 16.51 -2.06
C TYR B 119 1.53 15.92 -1.50
N ILE B 120 1.72 14.92 -0.64
CA ILE B 120 0.59 14.28 0.07
C ILE B 120 0.60 14.90 1.47
N ILE B 121 -0.48 15.65 1.74
CA ILE B 121 -0.47 16.57 2.92
C ILE B 121 -1.33 16.16 4.03
N GLY B 122 -1.75 14.88 4.04
CA GLY B 122 -2.48 14.32 5.20
C GLY B 122 -3.81 13.78 4.90
N GLY B 123 -4.55 13.20 5.82
CA GLY B 123 -4.12 13.08 7.21
C GLY B 123 -3.69 11.65 7.53
N GLY B 124 -3.99 11.18 8.76
CA GLY B 124 -3.36 9.90 9.20
C GLY B 124 -3.73 8.72 8.31
N GLU B 125 -4.94 8.64 7.89
CA GLU B 125 -5.41 7.50 7.05
C GLU B 125 -4.68 7.55 5.68
N ILE B 126 -4.59 8.76 5.17
CA ILE B 126 -3.87 8.95 3.90
C ILE B 126 -2.40 8.64 4.05
N TYR B 127 -1.71 9.08 5.13
CA TYR B 127 -0.28 8.78 5.26
C TYR B 127 0.02 7.27 5.47
N ARG B 128 -0.93 6.59 6.14
CA ARG B 128 -0.83 5.09 6.25
C ARG B 128 -0.73 4.44 4.89
N GLN B 129 -1.44 5.01 3.96
CA GLN B 129 -1.47 4.36 2.60
C GLN B 129 -0.39 4.85 1.71
N SER B 130 0.39 5.83 2.18
CA SER B 130 1.36 6.51 1.37
C SER B 130 2.79 6.02 1.54
N MET B 131 3.07 5.21 2.57
CA MET B 131 4.41 4.76 2.71
C MET B 131 4.94 4.00 1.51
N ASP B 132 4.02 3.34 0.80
CA ASP B 132 4.50 2.65 -0.37
C ASP B 132 4.32 3.43 -1.64
N LEU B 133 3.94 4.70 -1.56
CA LEU B 133 3.71 5.57 -2.73
C LEU B 133 4.75 6.65 -2.78
N ALA B 134 5.15 7.14 -1.61
CA ALA B 134 6.01 8.29 -1.64
C ALA B 134 7.43 8.02 -1.98
N ASP B 135 8.12 8.89 -2.67
CA ASP B 135 9.55 8.80 -2.91
C ASP B 135 10.37 9.39 -1.76
N HIS B 136 9.76 10.39 -1.05
CA HIS B 136 10.50 11.04 0.03
C HIS B 136 9.42 11.45 1.01
N TRP B 137 9.89 11.73 2.23
CA TRP B 137 9.06 12.41 3.24
C TRP B 137 9.73 13.66 3.78
N LEU B 138 8.99 14.77 3.77
CA LEU B 138 9.53 15.99 4.51
C LEU B 138 8.74 15.95 5.84
N ILE B 139 9.53 15.64 6.92
CA ILE B 139 8.90 15.48 8.28
C ILE B 139 9.49 16.64 9.13
N THR B 140 8.57 17.44 9.71
CA THR B 140 9.00 18.48 10.75
C THR B 140 8.87 17.69 12.07
N LYS B 141 10.01 17.45 12.68
CA LYS B 141 10.06 16.72 13.95
C LYS B 141 9.94 17.73 15.13
N ILE B 142 8.87 17.58 15.81
CA ILE B 142 8.51 18.61 16.88
C ILE B 142 8.83 17.97 18.26
N MET B 143 9.51 18.73 19.13
CA MET B 143 9.73 18.29 20.50
C MET B 143 9.29 19.38 21.47
N PRO B 144 8.58 18.97 22.49
CA PRO B 144 8.27 20.05 23.50
C PRO B 144 9.53 20.43 24.21
N LEU B 145 9.64 21.73 24.52
CA LEU B 145 10.78 22.16 25.31
C LEU B 145 10.54 21.64 26.77
N PRO B 146 11.63 21.58 27.54
CA PRO B 146 11.52 20.97 28.88
C PRO B 146 10.31 21.43 29.74
N GLU B 147 9.95 22.71 29.74
CA GLU B 147 8.80 23.04 30.60
C GLU B 147 7.38 22.91 29.91
N THR B 148 7.35 22.35 28.68
CA THR B 148 6.13 22.35 27.92
C THR B 148 5.39 21.11 28.20
N THR B 149 4.10 21.26 28.47
CA THR B 149 3.12 20.19 28.42
C THR B 149 3.02 19.41 27.12
N ILE B 150 3.17 18.10 27.16
CA ILE B 150 3.04 17.32 25.91
C ILE B 150 1.54 17.36 25.51
N PRO B 151 1.21 17.76 24.26
CA PRO B 151 -0.22 17.79 23.96
C PRO B 151 -0.86 16.46 23.80
N GLN B 152 -2.16 16.33 24.07
CA GLN B 152 -2.90 15.12 23.78
C GLN B 152 -3.02 14.87 22.24
N MET B 153 -2.86 13.58 21.87
CA MET B 153 -2.92 13.24 20.40
C MET B 153 -3.61 11.90 20.20
N ASP B 154 -4.20 11.77 19.02
CA ASP B 154 -4.96 10.53 18.75
C ASP B 154 -4.65 9.98 17.32
N THR B 155 -3.73 10.62 16.65
CA THR B 155 -3.45 10.27 15.22
C THR B 155 -1.92 10.33 15.12
N PHE B 156 -1.32 9.29 14.48
CA PHE B 156 0.14 9.19 14.54
C PHE B 156 0.62 8.71 13.14
N LEU B 157 1.82 9.16 12.81
CA LEU B 157 2.48 8.69 11.59
C LEU B 157 3.04 7.30 11.96
N GLN B 158 3.03 6.41 10.96
CA GLN B 158 3.63 5.10 11.15
C GLN B 158 5.14 5.10 11.11
N LYS B 159 5.78 5.37 12.26
CA LYS B 159 7.23 5.52 12.28
C LYS B 159 7.99 4.19 12.00
N GLN B 160 7.41 3.04 12.33
CA GLN B 160 8.07 1.69 12.06
C GLN B 160 8.14 1.55 10.55
N GLU B 161 7.01 1.82 9.90
CA GLU B 161 7.05 1.69 8.37
C GLU B 161 7.86 2.70 7.72
N LEU B 162 7.94 3.94 8.24
CA LEU B 162 8.85 4.94 7.74
C LEU B 162 10.33 4.45 7.79
N GLU B 163 10.74 4.05 9.02
CA GLU B 163 12.15 3.65 9.20
C GLU B 163 12.52 2.33 8.50
N GLN B 164 11.56 1.46 8.28
CA GLN B 164 11.78 0.23 7.42
C GLN B 164 12.16 0.62 6.00
N ARG B 165 11.50 1.59 5.43
CA ARG B 165 11.55 1.89 3.99
C ARG B 165 12.39 3.06 3.62
N PHE B 166 12.55 4.03 4.54
CA PHE B 166 13.28 5.26 4.23
C PHE B 166 14.39 5.51 5.24
N TYR B 167 15.35 6.29 4.86
CA TYR B 167 16.48 6.71 5.71
C TYR B 167 16.50 8.20 5.83
N ASP B 168 17.12 8.63 6.94
CA ASP B 168 17.23 10.06 7.20
C ASP B 168 18.26 10.69 6.24
N ASN B 169 17.78 11.50 5.28
CA ASN B 169 18.55 12.15 4.27
C ASN B 169 18.67 13.64 4.47
N SER B 170 18.60 14.08 5.76
CA SER B 170 18.47 15.54 6.01
C SER B 170 19.72 16.32 5.64
N ASP B 171 20.84 15.62 5.38
CA ASP B 171 22.01 16.35 4.87
C ASP B 171 21.71 16.94 3.53
N LYS B 172 20.67 16.41 2.85
CA LYS B 172 20.34 16.90 1.53
C LYS B 172 19.07 17.73 1.55
N LEU B 173 18.55 18.08 2.71
CA LEU B 173 17.28 18.84 2.72
C LEU B 173 17.41 20.20 2.03
N VAL B 174 18.47 20.97 2.31
CA VAL B 174 18.46 22.30 1.70
C VAL B 174 18.52 22.22 0.18
N ASP B 175 19.26 21.26 -0.34
CA ASP B 175 19.27 21.06 -1.80
C ASP B 175 17.97 20.50 -2.40
N PHE B 176 17.18 19.78 -1.59
CA PHE B 176 15.89 19.27 -2.05
C PHE B 176 14.81 20.29 -2.13
N LEU B 177 14.85 21.32 -1.29
CA LEU B 177 13.78 22.31 -1.24
C LEU B 177 13.90 23.30 -2.42
N PRO B 178 12.77 23.97 -2.78
CA PRO B 178 12.82 24.84 -3.97
C PRO B 178 13.81 25.91 -3.68
N SER B 179 14.56 26.27 -4.71
CA SER B 179 15.77 27.02 -4.39
C SER B 179 15.55 28.39 -3.81
N SER B 180 14.34 28.95 -3.97
CA SER B 180 14.03 30.29 -3.40
C SER B 180 13.62 30.32 -1.92
N ILE B 181 13.50 29.15 -1.31
CA ILE B 181 13.07 29.22 0.05
C ILE B 181 14.33 29.63 0.84
N GLN B 182 14.15 30.24 1.97
CA GLN B 182 15.30 30.52 2.86
C GLN B 182 14.94 30.03 4.29
N LEU B 183 15.84 29.25 4.87
CA LEU B 183 15.55 28.69 6.21
C LEU B 183 16.35 29.45 7.24
N GLU B 184 15.91 29.47 8.49
CA GLU B 184 16.73 30.07 9.56
C GLU B 184 17.80 29.09 10.06
N GLY B 185 17.47 27.81 10.25
CA GLY B 185 18.45 26.68 10.68
C GLY B 185 19.87 26.81 10.07
N ARG B 186 20.96 26.41 10.71
CA ARG B 186 21.88 25.39 10.17
C ARG B 186 21.55 23.98 10.50
N LEU B 187 21.86 23.07 9.59
CA LEU B 187 22.06 21.70 9.90
C LEU B 187 22.69 21.25 11.19
N THR B 188 21.94 20.51 12.01
CA THR B 188 22.22 20.34 13.44
C THR B 188 21.84 18.89 13.67
N SER B 189 22.63 18.21 14.51
CA SER B 189 22.22 16.83 14.95
C SER B 189 22.20 16.81 16.47
N GLN B 190 21.11 16.38 17.03
CA GLN B 190 20.90 16.47 18.49
C GLN B 190 20.29 15.21 18.95
N GLU B 191 20.75 14.61 20.05
CA GLU B 191 20.03 13.49 20.56
C GLU B 191 18.84 13.95 21.43
N TRP B 192 17.72 13.22 21.32
CA TRP B 192 16.59 13.56 22.11
C TRP B 192 15.83 12.29 22.44
N ASN B 193 15.76 11.94 23.75
CA ASN B 193 15.10 10.66 24.18
C ASN B 193 15.16 9.29 23.40
N GLY B 194 16.29 8.72 22.99
CA GLY B 194 17.62 9.20 22.84
C GLY B 194 17.71 8.71 21.35
N GLU B 195 16.86 9.33 20.53
CA GLU B 195 16.98 9.14 19.05
C GLU B 195 17.80 10.32 18.48
N LEU B 196 18.48 10.09 17.37
CA LEU B 196 19.16 11.15 16.67
C LEU B 196 18.17 12.05 15.88
N VAL B 197 18.14 13.35 16.19
CA VAL B 197 17.30 14.25 15.41
C VAL B 197 18.09 15.19 14.65
N LYS B 198 18.04 15.14 13.27
CA LYS B 198 19.04 15.76 12.47
C LYS B 198 18.22 16.67 11.44
N GLY B 199 18.57 17.95 11.29
CA GLY B 199 17.92 18.83 10.26
C GLY B 199 17.98 20.20 10.81
N LEU B 200 17.04 21.02 10.41
CA LEU B 200 17.23 22.48 10.32
C LEU B 200 16.29 23.03 11.39
N PRO B 201 16.77 23.62 12.52
CA PRO B 201 16.02 23.73 13.72
C PRO B 201 15.33 25.16 13.78
N VAL B 202 14.21 25.18 14.50
CA VAL B 202 13.44 26.38 14.78
C VAL B 202 12.83 26.18 16.15
N GLN B 203 12.61 27.31 16.89
CA GLN B 203 11.85 27.26 18.13
C GLN B 203 10.72 28.24 18.05
N GLU B 204 9.56 27.81 18.51
CA GLU B 204 8.40 28.65 18.50
C GLU B 204 7.49 28.22 19.59
N LYS B 205 7.00 29.25 20.32
CA LYS B 205 6.12 29.05 21.44
C LYS B 205 6.85 27.94 22.34
N GLY B 206 6.20 26.92 22.76
CA GLY B 206 6.97 26.03 23.73
C GLY B 206 7.66 24.82 23.08
N TYR B 207 7.91 24.89 21.74
CA TYR B 207 8.41 23.69 21.05
C TYR B 207 9.72 24.01 20.32
N GLN B 208 10.59 22.97 20.16
CA GLN B 208 11.72 23.08 19.29
C GLN B 208 11.34 22.15 18.10
N PHE B 209 11.65 22.54 16.86
CA PHE B 209 11.30 21.60 15.72
C PHE B 209 12.37 21.64 14.67
N TYR B 210 12.60 20.47 14.01
CA TYR B 210 13.66 20.39 12.98
C TYR B 210 12.94 19.98 11.67
N PHE B 211 13.26 20.71 10.62
CA PHE B 211 12.88 20.21 9.26
C PHE B 211 13.88 19.14 8.82
N THR B 212 13.27 18.02 8.38
CA THR B 212 14.06 16.85 7.95
C THR B 212 13.52 16.32 6.63
N LEU B 213 14.40 15.46 6.06
CA LEU B 213 14.08 14.83 4.71
C LEU B 213 14.36 13.36 4.94
N TYR B 214 13.43 12.52 4.52
CA TYR B 214 13.62 11.07 4.51
C TYR B 214 13.52 10.65 3.00
N THR B 215 14.41 9.75 2.61
CA THR B 215 14.40 9.26 1.19
C THR B 215 14.40 7.73 1.13
N LYS B 216 13.80 7.17 0.06
CA LYS B 216 13.68 5.71 0.07
C LYS B 216 15.09 5.04 0.09
N LYS B 217 15.24 4.00 0.91
CA LYS B 217 16.45 3.21 0.95
C LYS B 217 16.70 2.53 -0.45
N LEU B 218 17.99 2.26 -0.65
CA LEU B 218 18.40 1.61 -1.97
C LEU B 218 17.65 0.21 -1.97
N GLU B 219 17.31 -0.27 -3.15
CA GLU B 219 16.56 -1.50 -3.32
C GLU B 219 17.42 -2.42 -4.19
N HIS B 220 17.47 -3.68 -3.81
CA HIS B 220 18.06 -4.73 -4.69
C HIS B 220 17.21 -4.91 -5.94
N HIS B 221 17.94 -5.45 -6.96
CA HIS B 221 17.28 -5.67 -8.27
C HIS B 221 16.84 -7.17 -8.33
N HIS B 222 15.60 -7.39 -7.94
CA HIS B 222 15.07 -8.77 -7.95
C HIS B 222 14.43 -9.08 -9.32
N HIS B 223 13.78 -8.14 -9.96
CA HIS B 223 13.08 -8.43 -11.22
C HIS B 223 12.76 -7.16 -11.91
N HIS B 224 12.89 -7.16 -13.23
CA HIS B 224 12.44 -6.10 -14.02
C HIS B 224 11.56 -6.74 -15.10
N HIS B 225 10.39 -6.14 -15.29
CA HIS B 225 9.43 -6.75 -16.23
C HIS B 225 9.94 -6.63 -17.66
N HIS B 226 9.92 -7.77 -18.38
CA HIS B 226 10.24 -7.86 -19.79
C HIS B 226 8.97 -8.36 -20.54
N HIS B 227 8.73 -7.73 -21.70
CA HIS B 227 7.87 -8.36 -22.77
C HIS B 227 8.35 -9.68 -23.35
#